data_4XQ0
#
_entry.id   4XQ0
#
_cell.length_a   55.422
_cell.length_b   80.255
_cell.length_c   89.196
_cell.angle_alpha   90.00
_cell.angle_beta   90.00
_cell.angle_gamma   90.00
#
_symmetry.space_group_name_H-M   'P 21 21 21'
#
loop_
_entity.id
_entity.type
_entity.pdbx_description
1 polymer 'RNA polymerase II subunit A C-terminal domain phosphatase'
2 non-polymer 'TETRAETHYLENE GLYCOL'
3 non-polymer 'MAGNESIUM ION'
4 water water
#
_entity_poly.entity_id   1
_entity_poly.type   'polypeptide(L)'
_entity_poly.pdbx_seq_one_letter_code
;SLSRLESENVKRLRQEKRLSLIV(BFD)LDQTIIHATVDPTVGEWMSDPGNVNYDVLRDVRSFNLQEGPSGYTSCYYIKF
RPGLAQFLQKISELYELHIYTMGTKAYAKEVAKIIDPTGKLFQDRVLSADDSGSLAQKSLRRLFPCDTSMVVVIDDRGDV
WDWNPNLIKVVPYEFFVGIGDINSNFLGSNREALEEQNKERVTALELQKSERPLAKQQNALLEDEGKPTPSHTLLHNRDH
ELERLEKVLKDIHAVYYEEENDISSRSGNHKHANVGLIIPKMKQKVLKGCRLLFSGVIPLGVDVLSSDIAKWAMSFGAEV
VLDFSVPPTHLIAAKIRTEKVKKAVSMGNIKVVKLNWLTESLSQWKRLPESDYLLY
;
_entity_poly.pdbx_strand_id   A
#
loop_
_chem_comp.id
_chem_comp.type
_chem_comp.name
_chem_comp.formula
MG non-polymer 'MAGNESIUM ION' 'Mg 2'
PG4 non-polymer 'TETRAETHYLENE GLYCOL' 'C8 H18 O5'
#
# COMPACT_ATOMS: atom_id res chain seq x y z
N ARG A 4 10.43 7.81 30.63
CA ARG A 4 10.51 6.61 29.80
C ARG A 4 10.85 6.98 28.38
N LEU A 5 10.94 5.99 27.51
CA LEU A 5 11.44 6.22 26.18
C LEU A 5 10.37 6.86 25.31
N GLU A 6 9.13 6.39 25.43
CA GLU A 6 8.08 6.75 24.48
C GLU A 6 7.76 8.25 24.52
N SER A 7 7.58 8.77 25.73
CA SER A 7 7.23 10.17 25.90
C SER A 7 8.40 11.05 25.49
N GLU A 8 9.62 10.55 25.70
CA GLU A 8 10.81 11.30 25.34
C GLU A 8 11.06 11.28 23.82
N ASN A 9 10.66 10.21 23.16
CA ASN A 9 10.77 10.18 21.70
C ASN A 9 9.85 11.21 21.05
N VAL A 10 8.63 11.34 21.57
CA VAL A 10 7.70 12.37 21.12
C VAL A 10 8.33 13.76 21.27
N LYS A 11 8.90 14.03 22.44
CA LYS A 11 9.53 15.34 22.67
C LYS A 11 10.69 15.58 21.72
N ARG A 12 11.48 14.54 21.52
CA ARG A 12 12.65 14.64 20.65
C ARG A 12 12.21 14.94 19.21
N LEU A 13 11.20 14.23 18.73
CA LEU A 13 10.73 14.42 17.37
C LEU A 13 10.24 15.85 17.18
N ARG A 14 9.56 16.41 18.18
CA ARG A 14 9.07 17.78 18.01
C ARG A 14 10.23 18.77 17.98
N GLN A 15 11.30 18.49 18.72
CA GLN A 15 12.48 19.37 18.69
CA GLN A 15 12.48 19.36 18.70
C GLN A 15 13.22 19.27 17.37
N GLU A 16 13.19 18.09 16.76
CA GLU A 16 13.74 17.86 15.43
C GLU A 16 12.76 18.37 14.36
N LYS A 17 11.56 18.72 14.79
CA LYS A 17 10.49 19.09 13.88
C LYS A 17 10.23 17.97 12.84
N ARG A 18 10.05 16.75 13.36
CA ARG A 18 9.76 15.60 12.53
C ARG A 18 8.53 14.84 13.05
N LEU A 19 7.98 14.01 12.17
CA LEU A 19 6.94 13.05 12.54
C LEU A 19 7.55 11.65 12.45
N SER A 20 6.73 10.62 12.65
CA SER A 20 7.17 9.24 12.50
C SER A 20 6.45 8.65 11.31
N LEU A 21 7.18 7.92 10.46
CA LEU A 21 6.61 7.26 9.30
C LEU A 21 6.85 5.77 9.37
N ILE A 22 5.76 5.01 9.33
CA ILE A 22 5.80 3.56 9.22
C ILE A 22 5.69 3.18 7.75
N VAL A 23 6.72 2.48 7.27
CA VAL A 23 6.87 2.17 5.85
C VAL A 23 6.74 0.67 5.62
N BFD A 24 5.68 0.28 4.90
CA BFD A 24 5.52 -1.09 4.45
C BFD A 24 6.57 -1.39 3.37
O BFD A 24 7.00 -0.47 2.67
CB BFD A 24 4.12 -1.28 3.89
CG BFD A 24 3.94 -2.70 3.35
OD1 BFD A 24 4.23 -3.79 4.16
OD2 BFD A 24 3.43 -2.87 2.07
BE BFD A 24 4.35 -5.18 3.77
F1 BFD A 24 3.79 -5.89 4.87
F2 BFD A 24 3.69 -5.50 2.53
F3 BFD A 24 5.74 -5.47 3.66
N LEU A 25 6.94 -2.66 3.20
CA LEU A 25 7.85 -3.03 2.12
C LEU A 25 7.11 -3.50 0.87
N ASP A 26 6.52 -4.68 0.94
CA ASP A 26 5.99 -5.37 -0.23
C ASP A 26 4.83 -4.61 -0.87
N GLN A 27 5.08 -4.23 -2.11
CA GLN A 27 4.16 -3.53 -3.00
C GLN A 27 3.89 -2.10 -2.55
N THR A 28 4.71 -1.61 -1.62
CA THR A 28 4.72 -0.20 -1.24
C THR A 28 5.99 0.48 -1.75
N ILE A 29 7.16 0.03 -1.31
CA ILE A 29 8.39 0.57 -1.86
C ILE A 29 9.22 -0.46 -2.65
N ILE A 30 8.84 -1.73 -2.62
CA ILE A 30 9.48 -2.75 -3.44
C ILE A 30 8.45 -3.69 -4.06
N HIS A 31 8.89 -4.44 -5.07
CA HIS A 31 8.16 -5.60 -5.52
C HIS A 31 9.16 -6.74 -5.63
N ALA A 32 8.81 -7.89 -5.05
CA ALA A 32 9.71 -9.04 -4.98
C ALA A 32 9.15 -10.24 -5.72
N THR A 33 10.04 -11.03 -6.30
CA THR A 33 9.64 -12.31 -6.91
C THR A 33 10.76 -13.32 -6.72
N VAL A 34 10.42 -14.62 -6.83
CA VAL A 34 11.43 -15.67 -6.85
C VAL A 34 11.40 -16.38 -8.22
N ASP A 35 10.63 -15.86 -9.17
CA ASP A 35 10.66 -16.41 -10.53
C ASP A 35 12.09 -16.34 -11.10
N PRO A 36 12.73 -17.49 -11.35
CA PRO A 36 14.11 -17.48 -11.86
C PRO A 36 14.26 -16.82 -13.23
N THR A 37 13.15 -16.63 -13.94
CA THR A 37 13.11 -15.90 -15.19
C THR A 37 13.85 -14.55 -15.05
N VAL A 38 13.72 -13.90 -13.90
CA VAL A 38 14.33 -12.58 -13.73
C VAL A 38 15.85 -12.68 -13.85
N GLY A 39 16.43 -13.72 -13.27
CA GLY A 39 17.88 -13.89 -13.30
C GLY A 39 18.39 -14.10 -14.71
N GLU A 40 17.61 -14.79 -15.51
CA GLU A 40 17.99 -15.04 -16.90
C GLU A 40 17.95 -13.73 -17.69
N TRP A 41 16.86 -12.99 -17.56
CA TRP A 41 16.71 -11.73 -18.28
C TRP A 41 17.79 -10.73 -17.87
N MET A 42 18.07 -10.67 -16.57
CA MET A 42 19.13 -9.79 -16.05
C MET A 42 20.50 -10.10 -16.56
N SER A 43 20.74 -11.36 -16.91
CA SER A 43 22.06 -11.76 -17.35
C SER A 43 22.23 -11.52 -18.86
N ASP A 44 21.18 -11.03 -19.53
CA ASP A 44 21.19 -10.88 -21.00
C ASP A 44 20.95 -9.43 -21.46
N PRO A 45 22.05 -8.69 -21.73
CA PRO A 45 21.93 -7.31 -22.20
C PRO A 45 21.07 -7.16 -23.46
N GLY A 46 20.90 -8.25 -24.20
CA GLY A 46 20.11 -8.20 -25.42
C GLY A 46 18.61 -8.41 -25.20
N ASN A 47 18.22 -8.79 -23.99
CA ASN A 47 16.83 -9.09 -23.70
C ASN A 47 15.96 -7.84 -23.71
N VAL A 48 14.75 -7.95 -24.24
CA VAL A 48 13.81 -6.84 -24.24
C VAL A 48 13.53 -6.27 -22.83
N ASN A 49 13.67 -7.08 -21.79
CA ASN A 49 13.44 -6.65 -20.40
C ASN A 49 14.66 -6.18 -19.64
N TYR A 50 15.84 -6.29 -20.25
CA TYR A 50 17.09 -6.03 -19.54
C TYR A 50 17.21 -4.62 -18.99
N ASP A 51 16.91 -3.62 -19.82
N ASP A 51 16.90 -3.63 -19.82
CA ASP A 51 17.09 -2.23 -19.42
CA ASP A 51 17.07 -2.23 -19.45
C ASP A 51 16.32 -1.88 -18.15
C ASP A 51 16.32 -1.88 -18.16
N VAL A 52 15.06 -2.30 -18.05
CA VAL A 52 14.27 -1.99 -16.86
C VAL A 52 14.62 -2.88 -15.66
N LEU A 53 15.45 -3.90 -15.86
CA LEU A 53 15.87 -4.75 -14.74
C LEU A 53 17.23 -4.36 -14.18
N ARG A 54 17.86 -3.35 -14.78
CA ARG A 54 19.25 -3.03 -14.45
C ARG A 54 19.41 -2.66 -12.98
N ASP A 55 18.36 -2.12 -12.40
CA ASP A 55 18.41 -1.66 -10.99
C ASP A 55 17.85 -2.67 -9.99
N VAL A 56 17.41 -3.82 -10.52
CA VAL A 56 16.94 -4.91 -9.65
C VAL A 56 18.12 -5.48 -8.89
N ARG A 57 17.90 -5.83 -7.63
CA ARG A 57 18.93 -6.44 -6.79
C ARG A 57 18.40 -7.75 -6.23
N SER A 58 19.27 -8.67 -5.87
CA SER A 58 18.80 -9.97 -5.40
C SER A 58 19.55 -10.43 -4.17
N PHE A 59 18.94 -11.38 -3.44
CA PHE A 59 19.62 -12.04 -2.33
C PHE A 59 19.07 -13.44 -2.15
N ASN A 60 19.85 -14.29 -1.51
CA ASN A 60 19.44 -15.65 -1.18
C ASN A 60 19.00 -15.76 0.29
N LEU A 61 17.89 -16.46 0.55
CA LEU A 61 17.50 -16.74 1.92
C LEU A 61 17.24 -18.21 2.07
N GLN A 62 17.75 -18.77 3.16
CA GLN A 62 17.48 -20.12 3.55
C GLN A 62 16.31 -20.11 4.54
N GLU A 63 15.24 -20.85 4.22
CA GLU A 63 13.98 -20.72 4.96
C GLU A 63 13.41 -22.05 5.44
N GLY A 64 12.98 -22.06 6.69
CA GLY A 64 12.27 -23.19 7.26
C GLY A 64 13.18 -24.25 7.84
N PRO A 65 12.57 -25.29 8.43
CA PRO A 65 13.25 -26.44 9.05
C PRO A 65 14.20 -27.13 8.09
N SER A 66 13.84 -27.15 6.81
CA SER A 66 14.62 -27.89 5.82
C SER A 66 15.66 -26.98 5.16
N GLY A 67 15.70 -25.71 5.56
CA GLY A 67 16.66 -24.80 4.99
C GLY A 67 16.43 -24.64 3.49
N TYR A 68 15.17 -24.55 3.11
CA TYR A 68 14.81 -24.35 1.71
C TYR A 68 15.35 -22.99 1.27
N THR A 69 16.05 -22.94 0.15
CA THR A 69 16.75 -21.72 -0.25
C THR A 69 16.17 -21.10 -1.52
N SER A 70 15.95 -19.79 -1.48
CA SER A 70 15.41 -19.07 -2.63
C SER A 70 16.21 -17.81 -2.91
N CYS A 71 16.35 -17.53 -4.19
CA CYS A 71 16.88 -16.26 -4.66
C CYS A 71 15.71 -15.32 -4.89
N TYR A 72 15.65 -14.28 -4.05
CA TYR A 72 14.70 -13.20 -4.20
C TYR A 72 15.22 -12.11 -5.10
N TYR A 73 14.37 -11.68 -6.02
CA TYR A 73 14.65 -10.55 -6.90
C TYR A 73 13.81 -9.36 -6.43
N ILE A 74 14.46 -8.24 -6.13
CA ILE A 74 13.79 -7.06 -5.59
C ILE A 74 13.87 -5.88 -6.57
N LYS A 75 12.70 -5.37 -6.97
CA LYS A 75 12.60 -4.13 -7.73
C LYS A 75 12.24 -3.02 -6.75
N PHE A 76 13.06 -1.99 -6.72
CA PHE A 76 12.78 -0.80 -5.94
C PHE A 76 11.92 0.18 -6.72
N ARG A 77 10.90 0.71 -6.07
CA ARG A 77 9.97 1.56 -6.75
C ARG A 77 10.72 2.79 -7.26
N PRO A 78 10.39 3.28 -8.47
CA PRO A 78 11.18 4.39 -9.03
C PRO A 78 11.22 5.61 -8.10
N GLY A 79 12.41 6.19 -7.95
CA GLY A 79 12.61 7.37 -7.12
C GLY A 79 12.80 7.07 -5.65
N LEU A 80 12.94 5.80 -5.29
CA LEU A 80 12.99 5.42 -3.88
C LEU A 80 14.14 6.08 -3.13
N ALA A 81 15.35 6.06 -3.67
CA ALA A 81 16.50 6.62 -2.94
C ALA A 81 16.25 8.09 -2.59
N GLN A 82 15.79 8.85 -3.58
CA GLN A 82 15.49 10.26 -3.41
C GLN A 82 14.36 10.49 -2.42
N PHE A 83 13.29 9.71 -2.58
CA PHE A 83 12.13 9.74 -1.69
C PHE A 83 12.53 9.51 -0.23
N LEU A 84 13.29 8.45 0.03
CA LEU A 84 13.69 8.16 1.41
C LEU A 84 14.59 9.27 1.97
N GLN A 85 15.53 9.78 1.16
CA GLN A 85 16.43 10.83 1.62
C GLN A 85 15.61 12.05 2.02
N LYS A 86 14.74 12.51 1.13
CA LYS A 86 13.98 13.71 1.38
C LYS A 86 12.99 13.55 2.54
N ILE A 87 12.32 12.41 2.60
CA ILE A 87 11.28 12.19 3.59
C ILE A 87 11.87 11.95 4.98
N SER A 88 13.09 11.40 5.05
CA SER A 88 13.76 11.19 6.34
C SER A 88 14.09 12.52 7.02
N GLU A 89 14.13 13.60 6.24
CA GLU A 89 14.38 14.93 6.81
C GLU A 89 13.17 15.40 7.64
N LEU A 90 12.02 14.81 7.35
CA LEU A 90 10.72 15.25 7.88
C LEU A 90 10.11 14.17 8.76
N TYR A 91 10.53 12.93 8.55
CA TYR A 91 9.96 11.77 9.25
C TYR A 91 11.05 10.83 9.71
N GLU A 92 10.99 10.39 10.97
CA GLU A 92 11.83 9.29 11.42
C GLU A 92 11.22 8.00 10.85
N LEU A 93 12.01 7.28 10.08
CA LEU A 93 11.49 6.12 9.34
C LEU A 93 11.56 4.80 10.10
N HIS A 94 10.47 4.02 10.01
CA HIS A 94 10.41 2.65 10.49
C HIS A 94 9.98 1.72 9.35
N ILE A 95 10.44 0.48 9.38
CA ILE A 95 9.87 -0.56 8.51
C ILE A 95 8.92 -1.42 9.31
N TYR A 96 7.79 -1.79 8.72
CA TYR A 96 6.85 -2.71 9.33
C TYR A 96 6.31 -3.61 8.23
N THR A 97 6.78 -4.84 8.20
CA THR A 97 6.44 -5.78 7.13
C THR A 97 5.86 -7.07 7.68
N MET A 98 5.10 -7.76 6.84
CA MET A 98 4.59 -9.08 7.16
C MET A 98 5.59 -10.15 6.71
N GLY A 99 6.66 -9.74 6.02
CA GLY A 99 7.74 -10.66 5.72
C GLY A 99 8.48 -11.04 6.99
N THR A 100 9.35 -12.04 6.90
CA THR A 100 10.15 -12.46 8.02
C THR A 100 11.22 -11.44 8.37
N LYS A 101 11.77 -11.56 9.58
CA LYS A 101 12.86 -10.68 10.00
C LYS A 101 14.06 -10.81 9.05
N ALA A 102 14.39 -12.03 8.65
CA ALA A 102 15.49 -12.27 7.73
C ALA A 102 15.25 -11.55 6.41
N TYR A 103 14.02 -11.60 5.90
CA TYR A 103 13.65 -10.92 4.66
C TYR A 103 13.77 -9.40 4.81
N ALA A 104 13.20 -8.89 5.90
CA ALA A 104 13.22 -7.45 6.15
C ALA A 104 14.68 -6.96 6.22
N LYS A 105 15.53 -7.76 6.84
CA LYS A 105 16.91 -7.32 7.03
C LYS A 105 17.70 -7.33 5.73
N GLU A 106 17.42 -8.30 4.88
CA GLU A 106 18.04 -8.37 3.56
C GLU A 106 17.64 -7.18 2.69
N VAL A 107 16.36 -6.80 2.74
CA VAL A 107 15.91 -5.65 1.99
C VAL A 107 16.53 -4.38 2.55
N ALA A 108 16.61 -4.26 3.88
CA ALA A 108 17.18 -3.06 4.49
C ALA A 108 18.67 -2.92 4.18
N LYS A 109 19.38 -4.04 4.04
CA LYS A 109 20.80 -4.00 3.71
C LYS A 109 21.03 -3.36 2.34
N ILE A 110 20.05 -3.52 1.45
CA ILE A 110 20.16 -2.97 0.10
C ILE A 110 19.70 -1.53 0.04
N ILE A 111 18.55 -1.22 0.64
CA ILE A 111 18.06 0.16 0.57
C ILE A 111 18.74 1.08 1.57
N ASP A 112 19.29 0.52 2.65
CA ASP A 112 19.84 1.30 3.77
C ASP A 112 21.14 0.70 4.29
N PRO A 113 22.19 0.62 3.44
CA PRO A 113 23.36 -0.20 3.78
C PRO A 113 24.03 0.16 5.09
N THR A 114 24.16 1.44 5.42
CA THR A 114 24.86 1.83 6.64
C THR A 114 23.92 2.02 7.83
N GLY A 115 22.63 1.80 7.62
CA GLY A 115 21.67 1.87 8.71
C GLY A 115 21.18 3.27 9.00
N LYS A 116 21.66 4.23 8.21
CA LYS A 116 21.36 5.65 8.40
C LYS A 116 19.86 6.01 8.35
N LEU A 117 19.09 5.35 7.49
CA LEU A 117 17.68 5.70 7.31
C LEU A 117 16.75 5.05 8.33
N PHE A 118 16.95 3.77 8.60
CA PHE A 118 16.04 3.00 9.46
C PHE A 118 16.68 2.55 10.78
N GLN A 119 18.00 2.60 10.85
CA GLN A 119 18.76 1.99 11.95
C GLN A 119 18.18 0.59 12.23
N ASP A 120 17.78 0.33 13.47
CA ASP A 120 17.22 -0.96 13.84
C ASP A 120 15.70 -0.94 13.88
N ARG A 121 15.08 0.11 13.33
CA ARG A 121 13.64 0.29 13.43
C ARG A 121 12.95 -0.51 12.36
N VAL A 122 13.03 -1.84 12.52
CA VAL A 122 12.55 -2.78 11.53
C VAL A 122 11.70 -3.86 12.20
N LEU A 123 10.40 -3.81 11.94
CA LEU A 123 9.45 -4.75 12.51
C LEU A 123 9.02 -5.72 11.44
N SER A 124 8.90 -6.98 11.81
CA SER A 124 8.61 -8.04 10.86
C SER A 124 7.65 -9.03 11.49
N ALA A 125 7.31 -10.06 10.73
CA ALA A 125 6.43 -11.11 11.19
C ALA A 125 6.97 -11.78 12.46
N ASP A 126 8.29 -11.82 12.60
CA ASP A 126 8.89 -12.50 13.74
C ASP A 126 8.62 -11.80 15.09
N ASP A 127 8.45 -10.48 15.07
CA ASP A 127 8.43 -9.71 16.32
C ASP A 127 7.35 -8.63 16.38
N SER A 128 6.44 -8.58 15.41
CA SER A 128 5.38 -7.59 15.44
C SER A 128 4.25 -8.00 16.37
N GLY A 129 4.06 -9.30 16.52
CA GLY A 129 3.00 -9.85 17.36
C GLY A 129 1.78 -10.39 16.62
N SER A 130 1.72 -10.17 15.31
CA SER A 130 0.61 -10.70 14.51
C SER A 130 1.00 -10.98 13.07
N LEU A 131 0.43 -12.06 12.54
CA LEU A 131 0.57 -12.42 11.13
C LEU A 131 -0.60 -11.94 10.29
N ALA A 132 -1.57 -11.27 10.89
CA ALA A 132 -2.78 -10.88 10.14
C ALA A 132 -3.03 -9.37 10.11
N GLN A 133 -2.63 -8.66 11.15
CA GLN A 133 -2.91 -7.24 11.26
C GLN A 133 -1.66 -6.56 11.73
N LYS A 134 -1.56 -5.28 11.43
CA LYS A 134 -0.53 -4.43 11.97
C LYS A 134 -1.20 -3.48 12.96
N SER A 135 -0.44 -2.94 13.89
CA SER A 135 -0.97 -2.02 14.89
C SER A 135 0.02 -0.93 15.18
N LEU A 136 -0.47 0.30 15.21
CA LEU A 136 0.33 1.42 15.63
C LEU A 136 0.85 1.21 17.05
N ARG A 137 0.09 0.47 17.85
CA ARG A 137 0.40 0.36 19.28
C ARG A 137 1.60 -0.53 19.54
N ARG A 138 2.01 -1.30 18.52
CA ARG A 138 3.21 -2.11 18.62
C ARG A 138 4.43 -1.19 18.74
N LEU A 139 4.31 0.03 18.21
CA LEU A 139 5.40 1.00 18.25
C LEU A 139 5.11 2.19 19.13
N PHE A 140 3.86 2.65 19.13
CA PHE A 140 3.48 3.85 19.87
C PHE A 140 2.21 3.55 20.69
N PRO A 141 2.36 2.77 21.76
CA PRO A 141 1.17 2.27 22.47
C PRO A 141 0.30 3.37 23.07
N CYS A 142 0.91 4.46 23.50
CA CYS A 142 0.19 5.44 24.30
C CYS A 142 -0.16 6.72 23.55
N ASP A 143 0.53 6.99 22.45
CA ASP A 143 0.36 8.26 21.76
C ASP A 143 0.67 8.08 20.29
N THR A 144 -0.38 8.09 19.47
CA THR A 144 -0.24 7.86 18.03
C THR A 144 -0.36 9.16 17.23
N SER A 145 -0.27 10.30 17.92
CA SER A 145 -0.62 11.58 17.33
C SER A 145 0.38 12.08 16.29
N MET A 146 1.54 11.43 16.19
CA MET A 146 2.63 11.88 15.32
C MET A 146 3.02 10.83 14.29
N VAL A 147 2.29 9.72 14.24
CA VAL A 147 2.70 8.62 13.39
C VAL A 147 1.81 8.48 12.16
N VAL A 148 2.47 8.44 11.01
CA VAL A 148 1.80 8.27 9.72
C VAL A 148 2.24 6.92 9.19
N VAL A 149 1.35 6.26 8.45
CA VAL A 149 1.65 4.98 7.81
C VAL A 149 1.54 5.08 6.29
N ILE A 150 2.50 4.49 5.58
CA ILE A 150 2.29 4.23 4.16
C ILE A 150 2.31 2.72 3.90
N ASP A 151 1.23 2.25 3.28
CA ASP A 151 1.01 0.82 3.07
C ASP A 151 0.07 0.63 1.89
N ASP A 152 0.28 -0.42 1.10
CA ASP A 152 -0.59 -0.68 -0.03
C ASP A 152 -1.90 -1.34 0.40
N ARG A 153 -1.95 -1.85 1.63
CA ARG A 153 -3.15 -2.50 2.14
C ARG A 153 -3.78 -1.70 3.26
N GLY A 154 -5.07 -1.41 3.13
CA GLY A 154 -5.80 -0.79 4.21
C GLY A 154 -6.38 -1.83 5.16
N ASP A 155 -6.67 -3.03 4.66
CA ASP A 155 -7.31 -4.02 5.54
C ASP A 155 -6.38 -4.40 6.71
N VAL A 156 -5.06 -4.51 6.51
CA VAL A 156 -4.17 -4.92 7.61
C VAL A 156 -4.08 -3.87 8.71
N TRP A 157 -4.50 -2.65 8.40
CA TRP A 157 -4.46 -1.55 9.35
C TRP A 157 -5.86 -1.19 9.86
N ASP A 158 -6.85 -2.00 9.47
CA ASP A 158 -8.25 -1.73 9.78
C ASP A 158 -8.64 -0.31 9.36
N TRP A 159 -8.08 0.17 8.25
CA TRP A 159 -8.41 1.49 7.71
C TRP A 159 -8.28 2.57 8.79
N ASN A 160 -7.19 2.44 9.54
CA ASN A 160 -6.76 3.41 10.52
C ASN A 160 -6.72 4.84 9.92
N PRO A 161 -7.16 5.86 10.67
CA PRO A 161 -7.09 7.20 10.09
C PRO A 161 -5.67 7.75 9.89
N ASN A 162 -4.65 7.11 10.44
CA ASN A 162 -3.26 7.55 10.24
C ASN A 162 -2.63 6.95 8.96
N LEU A 163 -3.38 6.08 8.30
CA LEU A 163 -2.94 5.41 7.09
C LEU A 163 -3.05 6.24 5.81
N ILE A 164 -1.97 6.26 5.05
CA ILE A 164 -2.01 6.69 3.65
C ILE A 164 -1.84 5.44 2.79
N LYS A 165 -2.94 4.99 2.20
CA LYS A 165 -2.92 3.81 1.39
C LYS A 165 -2.27 4.17 0.07
N VAL A 166 -1.31 3.38 -0.37
CA VAL A 166 -0.63 3.66 -1.65
C VAL A 166 -1.13 2.66 -2.71
N VAL A 167 -0.98 3.04 -3.97
CA VAL A 167 -1.19 2.11 -5.08
C VAL A 167 -0.22 0.93 -4.99
N PRO A 168 -0.74 -0.32 -4.97
CA PRO A 168 0.16 -1.47 -4.89
C PRO A 168 1.13 -1.49 -6.06
N TYR A 169 2.42 -1.63 -5.77
CA TYR A 169 3.44 -1.61 -6.80
C TYR A 169 3.50 -2.99 -7.46
N GLU A 170 3.19 -3.03 -8.73
CA GLU A 170 3.23 -4.28 -9.50
CA GLU A 170 3.20 -4.26 -9.50
C GLU A 170 4.15 -4.09 -10.69
N PHE A 171 5.42 -4.38 -10.50
CA PHE A 171 6.41 -4.28 -11.55
C PHE A 171 6.54 -5.62 -12.23
N PHE A 172 6.73 -6.66 -11.44
CA PHE A 172 6.76 -8.01 -11.97
C PHE A 172 5.33 -8.46 -12.25
N VAL A 173 4.88 -8.19 -13.48
CA VAL A 173 3.50 -8.41 -13.89
C VAL A 173 2.97 -9.79 -13.53
N GLY A 174 1.80 -9.85 -12.90
CA GLY A 174 1.17 -11.10 -12.56
C GLY A 174 1.68 -11.73 -11.27
N ILE A 175 2.73 -11.16 -10.69
CA ILE A 175 3.22 -11.57 -9.39
C ILE A 175 2.55 -10.68 -8.34
N GLY A 176 1.99 -11.30 -7.32
CA GLY A 176 1.32 -10.53 -6.29
C GLY A 176 2.27 -10.12 -5.19
N ASP A 177 1.82 -10.36 -3.97
CA ASP A 177 2.59 -10.15 -2.74
C ASP A 177 3.02 -11.53 -2.23
N ILE A 178 4.30 -11.88 -2.39
CA ILE A 178 4.78 -13.19 -1.97
C ILE A 178 4.85 -13.38 -0.45
N ASN A 179 4.60 -12.32 0.33
CA ASN A 179 4.54 -12.41 1.79
C ASN A 179 3.10 -12.22 2.34
N SER A 180 2.09 -12.44 1.52
CA SER A 180 0.69 -12.21 1.97
C SER A 180 0.01 -13.49 2.44
N ASN A 181 0.69 -14.62 2.30
CA ASN A 181 0.10 -15.95 2.50
C ASN A 181 -0.74 -16.15 3.77
N PHE A 182 -0.52 -15.36 4.82
CA PHE A 182 -1.16 -15.59 6.12
C PHE A 182 -1.99 -14.40 6.64
N LEU A 183 -2.35 -13.48 5.75
CA LEU A 183 -3.14 -12.31 6.13
C LEU A 183 -4.60 -12.65 6.44
N GLY A 184 -5.08 -12.15 7.58
CA GLY A 184 -6.47 -12.32 7.98
C GLY A 184 -6.73 -13.61 8.74
N SER A 185 -5.87 -14.60 8.53
CA SER A 185 -6.12 -15.96 9.05
C SER A 185 -5.70 -16.15 10.51
N ASN A 186 -6.09 -17.29 11.08
CA ASN A 186 -5.64 -17.71 12.41
C ASN A 186 -4.15 -18.04 12.37
N ARG A 187 -3.58 -18.29 13.55
CA ARG A 187 -2.19 -18.74 13.63
C ARG A 187 -2.14 -20.26 13.45
N GLU A 188 -1.47 -20.70 12.39
CA GLU A 188 -1.27 -22.12 12.13
C GLU A 188 -0.03 -22.61 12.87
N ALA A 189 0.09 -23.91 13.06
CA ALA A 189 1.32 -24.50 13.60
C ALA A 189 2.50 -24.14 12.70
N LEU A 190 3.66 -23.91 13.31
CA LEU A 190 4.86 -23.51 12.58
C LEU A 190 5.17 -24.50 11.44
N GLU A 191 4.95 -25.78 11.71
CA GLU A 191 5.15 -26.81 10.71
C GLU A 191 4.23 -26.61 9.50
N GLU A 192 3.00 -26.21 9.78
CA GLU A 192 2.03 -25.94 8.73
C GLU A 192 2.37 -24.64 7.99
N GLN A 193 2.86 -23.64 8.71
CA GLN A 193 3.27 -22.37 8.10
C GLN A 193 4.40 -22.58 7.10
N ASN A 194 5.39 -23.38 7.48
CA ASN A 194 6.58 -23.58 6.65
C ASN A 194 6.24 -24.42 5.43
N LYS A 195 5.38 -25.43 5.60
CA LYS A 195 4.95 -26.23 4.47
C LYS A 195 4.25 -25.33 3.42
N GLU A 196 3.36 -24.46 3.89
CA GLU A 196 2.62 -23.55 3.02
C GLU A 196 3.53 -22.56 2.28
N ARG A 197 4.52 -22.01 2.98
CA ARG A 197 5.40 -21.04 2.31
C ARG A 197 6.31 -21.73 1.29
N VAL A 198 6.89 -22.86 1.66
CA VAL A 198 7.78 -23.59 0.78
C VAL A 198 7.00 -23.97 -0.48
N THR A 199 5.77 -24.40 -0.28
CA THR A 199 4.89 -24.79 -1.39
C THR A 199 4.68 -23.62 -2.36
N ALA A 200 4.27 -22.46 -1.84
CA ALA A 200 4.04 -21.28 -2.67
C ALA A 200 5.29 -20.82 -3.42
N LEU A 201 6.43 -20.84 -2.75
CA LEU A 201 7.68 -20.43 -3.37
C LEU A 201 8.07 -21.39 -4.49
N GLU A 202 8.02 -22.67 -4.17
CA GLU A 202 8.34 -23.70 -5.15
C GLU A 202 7.44 -23.58 -6.38
N LEU A 203 6.16 -23.32 -6.15
CA LEU A 203 5.20 -23.16 -7.24
C LEU A 203 5.56 -21.97 -8.17
N GLN A 204 5.92 -20.86 -7.56
CA GLN A 204 6.30 -19.67 -8.33
C GLN A 204 7.57 -19.93 -9.14
N LYS A 205 8.54 -20.61 -8.53
CA LYS A 205 9.75 -20.99 -9.27
C LYS A 205 9.48 -21.94 -10.43
N SER A 206 8.58 -22.91 -10.22
CA SER A 206 8.38 -23.95 -11.21
C SER A 206 7.45 -23.50 -12.33
N GLU A 207 6.50 -22.62 -12.01
CA GLU A 207 5.53 -22.20 -13.02
C GLU A 207 6.06 -21.10 -13.92
N ARG A 208 7.07 -20.37 -13.44
CA ARG A 208 7.65 -19.22 -14.16
C ARG A 208 6.62 -18.32 -14.82
N PRO A 209 5.74 -17.71 -14.01
CA PRO A 209 4.67 -16.89 -14.58
C PRO A 209 5.18 -15.76 -15.47
N LEU A 210 6.36 -15.22 -15.19
CA LEU A 210 6.87 -14.11 -16.02
C LEU A 210 7.22 -14.60 -17.42
N ALA A 211 7.86 -15.75 -17.48
CA ALA A 211 8.20 -16.36 -18.75
C ALA A 211 6.93 -16.67 -19.57
N LYS A 212 5.94 -17.25 -18.91
CA LYS A 212 4.70 -17.61 -19.60
C LYS A 212 4.01 -16.39 -20.19
N GLN A 213 3.97 -15.32 -19.41
CA GLN A 213 3.32 -14.08 -19.86
C GLN A 213 4.11 -13.42 -20.98
N GLN A 214 5.44 -13.39 -20.84
CA GLN A 214 6.29 -12.76 -21.85
C GLN A 214 6.23 -13.54 -23.17
N ASN A 215 6.20 -14.85 -23.07
CA ASN A 215 6.11 -15.71 -24.24
C ASN A 215 4.79 -15.46 -24.97
N ALA A 216 3.69 -15.36 -24.22
CA ALA A 216 2.38 -15.10 -24.84
C ALA A 216 2.38 -13.77 -25.61
N LEU A 217 3.00 -12.73 -25.02
CA LEU A 217 3.06 -11.41 -25.68
C LEU A 217 3.83 -11.50 -26.98
N LEU A 218 4.97 -12.17 -26.94
CA LEU A 218 5.81 -12.33 -28.13
C LEU A 218 5.15 -13.21 -29.17
N GLU A 219 4.30 -14.13 -28.75
CA GLU A 219 3.62 -15.00 -29.71
C GLU A 219 2.46 -14.28 -30.40
N ASP A 220 1.99 -13.19 -29.81
CA ASP A 220 0.87 -12.45 -30.37
C ASP A 220 1.27 -11.76 -31.67
N PRO A 226 7.56 -2.33 -28.30
CA PRO A 226 7.49 -2.06 -26.86
C PRO A 226 6.26 -2.71 -26.21
N SER A 227 5.17 -2.79 -26.95
CA SER A 227 3.96 -3.43 -26.44
C SER A 227 4.16 -4.94 -26.28
N HIS A 228 5.20 -5.48 -26.93
CA HIS A 228 5.51 -6.91 -26.78
C HIS A 228 6.47 -7.20 -25.62
N THR A 229 6.96 -6.16 -24.96
CA THR A 229 7.81 -6.32 -23.79
C THR A 229 6.97 -6.39 -22.52
N LEU A 230 7.22 -7.40 -21.67
CA LEU A 230 6.39 -7.60 -20.49
C LEU A 230 6.61 -6.52 -19.43
N LEU A 231 7.86 -6.21 -19.13
CA LEU A 231 8.17 -5.33 -18.01
C LEU A 231 8.43 -3.87 -18.44
N HIS A 232 7.90 -2.94 -17.66
CA HIS A 232 8.00 -1.50 -17.94
C HIS A 232 8.13 -0.72 -16.63
N ASN A 233 8.82 0.41 -16.69
CA ASN A 233 8.80 1.41 -15.63
C ASN A 233 7.77 2.46 -15.99
N ARG A 234 6.63 2.45 -15.33
CA ARG A 234 5.63 3.47 -15.60
C ARG A 234 5.06 3.97 -14.28
N ASP A 235 5.78 3.74 -13.19
CA ASP A 235 5.26 4.09 -11.87
C ASP A 235 5.82 5.43 -11.37
N HIS A 236 4.92 6.34 -10.99
CA HIS A 236 5.33 7.65 -10.46
C HIS A 236 4.69 7.91 -9.08
N GLU A 237 4.41 6.84 -8.36
CA GLU A 237 3.63 6.95 -7.12
C GLU A 237 4.41 7.67 -6.01
N LEU A 238 5.72 7.46 -5.95
CA LEU A 238 6.50 8.08 -4.87
C LEU A 238 6.58 9.61 -5.02
N GLU A 239 6.58 10.10 -6.26
CA GLU A 239 6.56 11.55 -6.48
CA GLU A 239 6.56 11.55 -6.50
C GLU A 239 5.27 12.14 -5.91
N ARG A 240 4.15 11.44 -6.10
CA ARG A 240 2.86 11.89 -5.58
C ARG A 240 2.87 11.81 -4.06
N LEU A 241 3.34 10.68 -3.57
CA LEU A 241 3.30 10.41 -2.16
C LEU A 241 4.17 11.43 -1.40
N GLU A 242 5.29 11.83 -2.01
CA GLU A 242 6.15 12.80 -1.36
CA GLU A 242 6.17 12.84 -1.42
C GLU A 242 5.37 14.08 -1.05
N LYS A 243 4.60 14.56 -2.01
CA LYS A 243 3.85 15.79 -1.81
C LYS A 243 2.83 15.65 -0.67
N VAL A 244 2.15 14.51 -0.60
CA VAL A 244 1.15 14.28 0.46
C VAL A 244 1.81 14.29 1.84
N LEU A 245 2.95 13.62 1.96
CA LEU A 245 3.63 13.53 3.25
C LEU A 245 4.21 14.88 3.69
N LYS A 246 4.64 15.68 2.72
CA LYS A 246 5.19 17.00 3.00
C LYS A 246 4.06 17.91 3.46
N ASP A 247 2.88 17.74 2.87
CA ASP A 247 1.70 18.51 3.27
C ASP A 247 1.27 18.16 4.70
N ILE A 248 1.19 16.88 5.00
CA ILE A 248 0.77 16.41 6.33
C ILE A 248 1.73 16.95 7.35
N HIS A 249 3.02 16.96 7.01
CA HIS A 249 4.02 17.40 7.94
C HIS A 249 3.88 18.90 8.25
N ALA A 250 3.66 19.70 7.21
CA ALA A 250 3.57 21.13 7.36
C ALA A 250 2.29 21.50 8.09
N VAL A 251 1.19 20.81 7.79
CA VAL A 251 -0.09 21.09 8.45
C VAL A 251 0.02 20.72 9.94
N TYR A 252 0.60 19.56 10.25
CA TYR A 252 0.84 19.19 11.63
C TYR A 252 1.63 20.26 12.38
N TYR A 253 2.75 20.74 11.84
CA TYR A 253 3.57 21.64 12.65
C TYR A 253 3.00 23.03 12.74
N GLU A 254 2.19 23.45 11.76
CA GLU A 254 1.47 24.70 11.93
C GLU A 254 0.41 24.59 13.00
N GLU A 255 -0.33 23.48 12.99
CA GLU A 255 -1.39 23.30 13.97
C GLU A 255 -0.76 23.10 15.35
N GLU A 256 0.36 22.38 15.39
CA GLU A 256 1.08 22.14 16.64
C GLU A 256 1.54 23.45 17.26
N ASN A 257 2.10 24.31 16.42
CA ASN A 257 2.55 25.61 16.88
C ASN A 257 1.38 26.37 17.51
N ASP A 258 0.24 26.34 16.84
CA ASP A 258 -0.95 27.05 17.32
C ASP A 258 -1.50 26.45 18.63
N ILE A 259 -1.74 25.13 18.62
CA ILE A 259 -2.38 24.47 19.75
C ILE A 259 -1.51 24.51 21.00
N SER A 260 -0.22 24.24 20.83
CA SER A 260 0.70 24.16 21.97
C SER A 260 0.90 25.53 22.60
N SER A 261 0.95 26.57 21.78
CA SER A 261 1.12 27.93 22.31
C SER A 261 -0.13 28.38 23.07
N ARG A 262 -1.30 28.06 22.56
CA ARG A 262 -2.55 28.47 23.21
C ARG A 262 -2.88 27.65 24.48
N SER A 263 -2.16 26.54 24.68
CA SER A 263 -2.47 25.61 25.75
C SER A 263 -1.32 25.45 26.75
N GLY A 264 -0.28 26.27 26.62
CA GLY A 264 0.89 26.17 27.49
C GLY A 264 1.61 24.85 27.31
N ASN A 265 1.59 24.38 26.06
CA ASN A 265 2.17 23.10 25.66
C ASN A 265 1.58 21.91 26.40
N HIS A 266 0.31 22.01 26.78
CA HIS A 266 -0.38 20.90 27.42
CA HIS A 266 -0.42 20.92 27.43
C HIS A 266 -1.24 20.14 26.41
N LYS A 267 -1.51 20.76 25.26
CA LYS A 267 -2.25 20.11 24.18
C LYS A 267 -1.45 20.17 22.90
N HIS A 268 -1.74 19.25 21.99
CA HIS A 268 -0.94 19.08 20.79
C HIS A 268 -1.80 18.72 19.59
N ALA A 269 -1.21 18.84 18.39
CA ALA A 269 -1.85 18.43 17.14
C ALA A 269 -1.91 16.89 17.05
N ASN A 270 -2.64 16.40 16.06
CA ASN A 270 -2.84 14.96 15.89
C ASN A 270 -3.01 14.64 14.42
N VAL A 271 -2.08 13.88 13.84
CA VAL A 271 -2.16 13.57 12.41
C VAL A 271 -3.39 12.71 12.14
N GLY A 272 -3.85 12.00 13.16
CA GLY A 272 -5.06 11.19 13.04
C GLY A 272 -6.33 12.01 12.83
N LEU A 273 -6.26 13.30 13.09
CA LEU A 273 -7.35 14.24 12.81
C LEU A 273 -7.08 14.98 11.53
N ILE A 274 -5.82 15.30 11.30
CA ILE A 274 -5.42 16.05 10.13
C ILE A 274 -5.65 15.27 8.83
N ILE A 275 -5.21 14.02 8.81
CA ILE A 275 -5.27 13.25 7.59
C ILE A 275 -6.74 13.04 7.11
N PRO A 276 -7.65 12.67 8.02
CA PRO A 276 -9.02 12.49 7.51
C PRO A 276 -9.64 13.78 6.94
N LYS A 277 -9.29 14.92 7.52
CA LYS A 277 -9.77 16.19 6.99
C LYS A 277 -9.28 16.44 5.55
N MET A 278 -8.05 16.05 5.24
CA MET A 278 -7.52 16.17 3.88
C MET A 278 -8.26 15.26 2.91
N LYS A 279 -8.39 14.00 3.30
CA LYS A 279 -8.99 13.00 2.46
C LYS A 279 -10.47 13.27 2.14
N GLN A 280 -11.19 13.83 3.09
CA GLN A 280 -12.65 13.89 3.00
C GLN A 280 -13.14 14.89 1.98
N LYS A 281 -12.25 15.79 1.57
CA LYS A 281 -12.50 16.71 0.47
C LYS A 281 -12.66 16.02 -0.89
N VAL A 282 -12.01 14.87 -1.09
CA VAL A 282 -11.95 14.27 -2.44
C VAL A 282 -13.29 13.81 -3.01
N LEU A 283 -14.04 12.98 -2.28
CA LEU A 283 -15.32 12.49 -2.77
C LEU A 283 -16.47 13.09 -1.97
N LYS A 284 -16.22 14.23 -1.34
CA LYS A 284 -17.29 14.94 -0.64
C LYS A 284 -18.48 15.16 -1.57
N GLY A 285 -19.69 14.80 -1.10
CA GLY A 285 -20.91 14.98 -1.86
C GLY A 285 -21.29 13.77 -2.69
N CYS A 286 -20.36 12.83 -2.86
CA CYS A 286 -20.68 11.59 -3.56
C CYS A 286 -21.48 10.66 -2.64
N ARG A 287 -22.52 10.06 -3.20
CA ARG A 287 -23.28 9.00 -2.54
C ARG A 287 -23.22 7.78 -3.45
N LEU A 288 -22.54 6.74 -2.99
CA LEU A 288 -22.25 5.58 -3.83
C LEU A 288 -23.18 4.40 -3.57
N LEU A 289 -23.70 3.81 -4.66
CA LEU A 289 -24.40 2.52 -4.62
C LEU A 289 -23.60 1.49 -5.42
N PHE A 290 -23.26 0.38 -4.79
CA PHE A 290 -22.53 -0.68 -5.48
C PHE A 290 -23.46 -1.72 -6.14
N SER A 291 -23.07 -2.15 -7.33
CA SER A 291 -23.78 -3.21 -8.05
C SER A 291 -22.80 -4.28 -8.52
N GLY A 292 -22.90 -5.48 -7.97
CA GLY A 292 -22.07 -6.61 -8.38
C GLY A 292 -20.59 -6.50 -8.03
N VAL A 293 -20.27 -5.68 -7.04
CA VAL A 293 -18.88 -5.45 -6.63
C VAL A 293 -18.56 -6.18 -5.33
N ILE A 294 -19.49 -6.10 -4.37
CA ILE A 294 -19.33 -6.81 -3.12
C ILE A 294 -20.04 -8.14 -3.29
N PRO A 295 -19.38 -9.24 -2.89
CA PRO A 295 -20.01 -10.55 -3.10
C PRO A 295 -21.36 -10.69 -2.41
N LEU A 296 -22.24 -11.50 -3.00
CA LEU A 296 -23.53 -11.78 -2.40
C LEU A 296 -23.34 -12.46 -1.05
N GLY A 297 -23.85 -11.84 0.01
CA GLY A 297 -23.73 -12.37 1.35
C GLY A 297 -22.68 -11.66 2.19
N VAL A 298 -21.97 -10.73 1.58
CA VAL A 298 -20.97 -9.93 2.29
C VAL A 298 -21.53 -8.57 2.66
N ASP A 299 -21.23 -8.12 3.88
CA ASP A 299 -21.73 -6.84 4.36
C ASP A 299 -21.05 -5.69 3.63
N VAL A 300 -21.87 -4.83 3.01
CA VAL A 300 -21.35 -3.74 2.18
C VAL A 300 -20.63 -2.64 2.98
N LEU A 301 -21.25 -2.15 4.05
CA LEU A 301 -20.71 -0.97 4.73
C LEU A 301 -19.40 -1.26 5.48
N SER A 302 -19.14 -2.52 5.79
CA SER A 302 -17.89 -2.89 6.46
C SER A 302 -16.85 -3.48 5.49
N SER A 303 -17.18 -3.50 4.20
CA SER A 303 -16.25 -4.00 3.19
C SER A 303 -15.08 -3.03 2.99
N ASP A 304 -13.97 -3.56 2.51
CA ASP A 304 -12.78 -2.74 2.33
C ASP A 304 -13.08 -1.59 1.39
N ILE A 305 -13.74 -1.87 0.28
CA ILE A 305 -13.97 -0.79 -0.71
C ILE A 305 -14.88 0.31 -0.16
N ALA A 306 -15.86 -0.05 0.64
CA ALA A 306 -16.71 0.95 1.29
C ALA A 306 -15.92 1.79 2.28
N LYS A 307 -15.09 1.16 3.08
CA LYS A 307 -14.30 1.87 4.08
C LYS A 307 -13.28 2.80 3.41
N TRP A 308 -12.67 2.31 2.34
CA TRP A 308 -11.74 3.12 1.56
C TRP A 308 -12.47 4.36 1.05
N ALA A 309 -13.62 4.15 0.39
CA ALA A 309 -14.40 5.27 -0.14
C ALA A 309 -14.84 6.25 0.96
N MET A 310 -15.33 5.74 2.08
CA MET A 310 -15.83 6.63 3.12
C MET A 310 -14.69 7.44 3.75
N SER A 311 -13.48 6.91 3.74
CA SER A 311 -12.34 7.67 4.28
C SER A 311 -12.04 8.90 3.42
N PHE A 312 -12.47 8.87 2.16
CA PHE A 312 -12.29 10.02 1.25
C PHE A 312 -13.58 10.83 1.07
N GLY A 313 -14.48 10.72 2.04
CA GLY A 313 -15.62 11.62 2.13
C GLY A 313 -16.90 11.12 1.48
N ALA A 314 -16.86 9.96 0.83
CA ALA A 314 -18.05 9.46 0.15
C ALA A 314 -19.02 8.86 1.15
N GLU A 315 -20.30 9.05 0.87
CA GLU A 315 -21.35 8.28 1.55
C GLU A 315 -21.60 7.03 0.73
N VAL A 316 -21.97 5.94 1.41
CA VAL A 316 -22.37 4.70 0.74
C VAL A 316 -23.83 4.38 1.12
N VAL A 317 -24.63 4.10 0.10
CA VAL A 317 -26.03 3.73 0.30
C VAL A 317 -26.26 2.32 -0.25
N LEU A 318 -27.41 1.74 0.10
CA LEU A 318 -27.71 0.37 -0.23
C LEU A 318 -28.91 0.21 -1.17
N ASP A 319 -29.63 1.30 -1.43
CA ASP A 319 -30.75 1.25 -2.37
C ASP A 319 -30.98 2.64 -2.97
N PHE A 320 -32.08 2.79 -3.70
CA PHE A 320 -32.37 4.03 -4.43
C PHE A 320 -33.33 4.95 -3.68
N SER A 321 -33.72 4.57 -2.47
CA SER A 321 -34.66 5.37 -1.66
C SER A 321 -34.23 6.84 -1.56
N VAL A 322 -32.94 7.04 -1.32
CA VAL A 322 -32.30 8.34 -1.54
C VAL A 322 -31.34 8.12 -2.70
N PRO A 323 -31.68 8.62 -3.89
CA PRO A 323 -30.90 8.31 -5.10
C PRO A 323 -29.41 8.59 -4.95
N PRO A 324 -28.57 7.60 -5.27
CA PRO A 324 -27.13 7.85 -5.23
C PRO A 324 -26.70 8.83 -6.31
N THR A 325 -25.48 9.35 -6.18
CA THR A 325 -24.91 10.17 -7.22
C THR A 325 -24.26 9.25 -8.24
N HIS A 326 -23.73 8.13 -7.75
CA HIS A 326 -23.01 7.16 -8.57
C HIS A 326 -23.46 5.73 -8.33
N LEU A 327 -23.62 4.99 -9.42
CA LEU A 327 -23.71 3.54 -9.39
C LEU A 327 -22.36 2.95 -9.83
N ILE A 328 -21.68 2.27 -8.90
CA ILE A 328 -20.41 1.61 -9.17
C ILE A 328 -20.72 0.17 -9.54
N ALA A 329 -20.63 -0.16 -10.82
CA ALA A 329 -21.11 -1.45 -11.30
C ALA A 329 -20.00 -2.28 -11.94
N ALA A 330 -20.08 -3.59 -11.74
CA ALA A 330 -19.12 -4.53 -12.30
C ALA A 330 -19.69 -5.20 -13.56
N LYS A 331 -20.98 -5.56 -13.51
CA LYS A 331 -21.67 -6.17 -14.65
C LYS A 331 -22.80 -5.28 -15.13
N ILE A 332 -22.97 -5.21 -16.45
CA ILE A 332 -23.93 -4.29 -17.04
C ILE A 332 -25.38 -4.77 -16.91
N ARG A 333 -25.60 -6.09 -16.87
CA ARG A 333 -26.96 -6.63 -16.89
C ARG A 333 -27.52 -6.89 -15.49
N THR A 334 -27.90 -5.81 -14.80
CA THR A 334 -28.49 -5.89 -13.46
C THR A 334 -29.65 -4.89 -13.35
N GLU A 335 -30.59 -5.15 -12.43
CA GLU A 335 -31.75 -4.27 -12.28
CA GLU A 335 -31.76 -4.27 -12.28
C GLU A 335 -31.34 -2.94 -11.64
N LYS A 336 -30.24 -2.95 -10.90
CA LYS A 336 -29.71 -1.73 -10.31
C LYS A 336 -29.24 -0.77 -11.41
N VAL A 337 -28.51 -1.30 -12.39
CA VAL A 337 -28.10 -0.50 -13.54
C VAL A 337 -29.33 -0.02 -14.34
N LYS A 338 -30.29 -0.90 -14.60
CA LYS A 338 -31.48 -0.52 -15.34
C LYS A 338 -32.25 0.58 -14.61
N LYS A 339 -32.31 0.47 -13.29
CA LYS A 339 -33.06 1.42 -12.48
C LYS A 339 -32.32 2.75 -12.48
N ALA A 340 -31.01 2.70 -12.31
CA ALA A 340 -30.18 3.91 -12.34
C ALA A 340 -30.30 4.66 -13.67
N VAL A 341 -30.22 3.92 -14.76
CA VAL A 341 -30.34 4.52 -16.10
C VAL A 341 -31.75 5.08 -16.30
N SER A 342 -32.77 4.34 -15.89
CA SER A 342 -34.14 4.76 -16.14
C SER A 342 -34.49 5.99 -15.28
N MET A 343 -33.91 6.05 -14.09
CA MET A 343 -34.12 7.19 -13.20
C MET A 343 -33.51 8.47 -13.74
N GLY A 344 -32.37 8.34 -14.40
CA GLY A 344 -31.60 9.50 -14.80
C GLY A 344 -30.91 10.17 -13.63
N ASN A 345 -29.97 11.06 -13.94
CA ASN A 345 -29.25 11.86 -12.94
C ASN A 345 -28.33 11.02 -12.04
N ILE A 346 -28.04 9.80 -12.48
CA ILE A 346 -27.12 8.93 -11.75
C ILE A 346 -26.02 8.52 -12.70
N LYS A 347 -24.79 8.72 -12.28
CA LYS A 347 -23.66 8.32 -13.10
C LYS A 347 -23.37 6.85 -12.87
N VAL A 348 -23.34 6.09 -13.96
CA VAL A 348 -23.02 4.66 -13.91
C VAL A 348 -21.59 4.48 -14.38
N VAL A 349 -20.73 4.01 -13.48
CA VAL A 349 -19.32 3.87 -13.79
C VAL A 349 -18.74 2.51 -13.37
N LYS A 350 -17.66 2.14 -14.03
CA LYS A 350 -16.87 0.99 -13.62
C LYS A 350 -16.26 1.24 -12.24
N LEU A 351 -15.93 0.13 -11.57
CA LEU A 351 -15.24 0.17 -10.30
C LEU A 351 -13.95 1.00 -10.39
N ASN A 352 -13.29 0.90 -11.52
CA ASN A 352 -12.04 1.62 -11.78
C ASN A 352 -12.15 3.12 -11.55
N TRP A 353 -13.32 3.71 -11.79
CA TRP A 353 -13.46 5.15 -11.55
C TRP A 353 -13.17 5.44 -10.08
N LEU A 354 -13.70 4.60 -9.21
CA LEU A 354 -13.57 4.80 -7.79
C LEU A 354 -12.15 4.50 -7.29
N THR A 355 -11.63 3.34 -7.65
CA THR A 355 -10.30 2.96 -7.18
C THR A 355 -9.23 3.90 -7.74
N GLU A 356 -9.34 4.33 -8.99
CA GLU A 356 -8.35 5.25 -9.54
C GLU A 356 -8.50 6.66 -8.96
N SER A 357 -9.73 7.11 -8.72
CA SER A 357 -9.95 8.40 -8.04
C SER A 357 -9.36 8.40 -6.62
N LEU A 358 -9.70 7.37 -5.84
CA LEU A 358 -9.16 7.24 -4.48
C LEU A 358 -7.64 7.15 -4.50
N SER A 359 -7.10 6.46 -5.49
CA SER A 359 -5.66 6.30 -5.62
C SER A 359 -4.95 7.63 -5.88
N GLN A 360 -5.60 8.49 -6.65
CA GLN A 360 -4.97 9.73 -7.06
C GLN A 360 -5.38 10.90 -6.18
N TRP A 361 -6.21 10.61 -5.15
CA TRP A 361 -6.73 11.67 -4.28
C TRP A 361 -7.41 12.73 -5.12
N LYS A 362 -8.11 12.30 -6.15
CA LYS A 362 -8.67 13.22 -7.11
C LYS A 362 -9.83 12.57 -7.82
N ARG A 363 -10.99 13.21 -7.75
CA ARG A 363 -12.15 12.71 -8.46
C ARG A 363 -11.90 12.81 -9.96
N LEU A 364 -11.89 11.67 -10.63
CA LEU A 364 -11.59 11.63 -12.05
C LEU A 364 -12.89 11.77 -12.84
N PRO A 365 -12.80 12.21 -14.11
CA PRO A 365 -13.99 12.35 -14.95
C PRO A 365 -14.72 11.02 -15.14
N GLU A 366 -16.00 10.99 -14.77
CA GLU A 366 -16.79 9.77 -14.87
C GLU A 366 -16.94 9.34 -16.32
N SER A 367 -16.94 10.32 -17.21
CA SER A 367 -17.13 10.06 -18.64
C SER A 367 -16.05 9.12 -19.18
N ASP A 368 -14.92 9.05 -18.47
CA ASP A 368 -13.83 8.17 -18.87
C ASP A 368 -13.97 6.75 -18.32
N TYR A 369 -15.08 6.47 -17.62
CA TYR A 369 -15.26 5.16 -16.97
C TYR A 369 -16.66 4.57 -17.13
N LEU A 370 -17.31 4.91 -18.24
CA LEU A 370 -18.63 4.37 -18.52
C LEU A 370 -18.55 2.88 -18.82
N LEU A 371 -19.69 2.18 -18.69
CA LEU A 371 -19.73 0.72 -18.80
C LEU A 371 -19.82 0.16 -20.22
N TYR A 372 -20.86 0.55 -20.94
CA TYR A 372 -21.24 -0.06 -22.22
C TYR A 372 -21.63 -1.53 -22.02
O1 PG4 B . 14.31 -15.87 -21.15
C1 PG4 B . 13.52 -16.98 -20.86
C2 PG4 B . 12.18 -16.58 -20.22
O2 PG4 B . 11.12 -16.49 -21.14
C3 PG4 B . 10.95 -15.27 -21.82
C4 PG4 B . 11.58 -15.40 -23.19
O3 PG4 B . 12.03 -14.16 -23.66
C5 PG4 B . 13.41 -13.91 -23.55
C6 PG4 B . 14.23 -14.93 -24.34
O4 PG4 B . 15.47 -14.35 -24.68
C7 PG4 B . 16.63 -14.95 -24.18
C8 PG4 B . 16.70 -14.87 -22.65
O5 PG4 B . 18.01 -14.67 -22.24
C1 PG4 C . 7.49 25.16 14.77
C2 PG4 C . 6.22 25.45 13.96
O2 PG4 C . 6.58 25.43 12.62
C3 PG4 C . 5.52 25.39 11.71
C4 PG4 C . 6.14 25.52 10.32
O3 PG4 C . 5.30 24.94 9.36
C5 PG4 C . 5.92 24.83 8.11
C6 PG4 C . 6.78 23.58 8.13
O4 PG4 C . 7.48 23.48 6.92
C7 PG4 C . 8.27 22.34 6.80
C8 PG4 C . 9.41 22.43 7.81
O5 PG4 C . 10.41 21.53 7.44
C1 PG4 D . -0.83 14.41 -5.23
C2 PG4 D . -1.79 13.35 -4.70
O2 PG4 D . -1.13 12.12 -4.74
C3 PG4 D . -1.69 11.10 -3.97
C4 PG4 D . -0.69 9.95 -3.89
O3 PG4 D . -0.98 9.25 -2.72
C5 PG4 D . -0.77 7.88 -2.81
C6 PG4 D . -2.14 7.19 -2.81
O4 PG4 D . -2.27 6.45 -4.00
O1 PG4 E . -4.40 16.25 -4.65
C1 PG4 E . -4.02 15.68 -3.43
C2 PG4 E . -3.42 16.77 -2.55
O2 PG4 E . -2.22 16.30 -2.03
C3 PG4 E . -1.63 17.16 -1.09
C4 PG4 E . -0.95 18.30 -1.83
O3 PG4 E . 0.23 17.81 -2.38
C1 PG4 F . -11.00 -3.08 -3.04
C2 PG4 F . -9.66 -2.57 -2.50
O2 PG4 F . -9.42 -3.16 -1.25
C3 PG4 F . -8.17 -2.84 -0.71
C4 PG4 F . -8.01 -3.56 0.63
O3 PG4 F . -6.74 -3.28 1.13
MG MG G . 2.57 -4.47 1.35
#